data_5UA4
#
_entry.id   5UA4
#
_cell.length_a   67.761
_cell.length_b   48.778
_cell.length_c   56.535
_cell.angle_alpha   90.00
_cell.angle_beta   104.98
_cell.angle_gamma   90.00
#
_symmetry.space_group_name_H-M   'C 1 2 1'
#
loop_
_entity.id
_entity.type
_entity.pdbx_description
1 polymer 5-HL
2 polymer 'BH3-interacting domain death agonist'
3 water water
#
loop_
_entity_poly.entity_id
_entity_poly.type
_entity_poly.pdbx_seq_one_letter_code
_entity_poly.pdbx_strand_id
1 'polypeptide(L)'
;GPLGSMEGEELIYHNIINEILVGYIKYYINDISEHELSPYQQQIKKILTYYDECLNKQVTITFSLTSVQEIKTQFTGVVT
ELFKDLINWGRICGFIVFSAKMAKYCKDANNHLESTVITTAYNFMKHNLLPWMISHGGQEEFLAFSLHSDMYS
;
A
2 'polypeptide(L)' SESQEAVIRDIARHLARIGDRMEYGIRPGLVDSL B
#
# COMPACT_ATOMS: atom_id res chain seq x y z
N HIS A 14 -10.72 -10.01 -10.58
CA HIS A 14 -10.10 -10.84 -9.53
C HIS A 14 -8.60 -11.00 -9.72
N ASN A 15 -8.09 -10.50 -10.85
CA ASN A 15 -6.67 -10.58 -11.14
CA ASN A 15 -6.65 -10.55 -11.04
C ASN A 15 -6.06 -9.17 -11.35
N ILE A 16 -6.90 -8.15 -11.48
CA ILE A 16 -6.36 -6.79 -11.55
C ILE A 16 -6.01 -6.43 -10.11
N ILE A 17 -6.77 -6.95 -9.15
CA ILE A 17 -6.40 -6.76 -7.74
C ILE A 17 -5.27 -7.73 -7.32
N ASN A 18 -5.25 -8.93 -7.87
CA ASN A 18 -4.19 -9.89 -7.56
C ASN A 18 -2.82 -9.41 -8.06
N GLU A 19 -2.79 -8.87 -9.26
CA GLU A 19 -1.53 -8.50 -9.88
C GLU A 19 -1.02 -7.13 -9.42
N ILE A 20 -1.93 -6.24 -9.05
CA ILE A 20 -1.53 -4.92 -8.54
C ILE A 20 -1.35 -4.91 -7.02
N LEU A 21 -2.16 -5.68 -6.31
CA LEU A 21 -2.15 -5.64 -4.84
C LEU A 21 -1.69 -6.95 -4.19
N VAL A 22 -2.48 -8.00 -4.35
CA VAL A 22 -2.30 -9.24 -3.59
C VAL A 22 -0.92 -9.85 -3.77
N GLY A 23 -0.47 -9.92 -5.02
CA GLY A 23 0.81 -10.49 -5.36
C GLY A 23 1.97 -9.90 -4.59
N TYR A 24 2.04 -8.57 -4.51
CA TYR A 24 3.15 -7.93 -3.79
C TYR A 24 3.10 -8.25 -2.30
N ILE A 25 1.88 -8.27 -1.74
CA ILE A 25 1.72 -8.62 -0.33
C ILE A 25 2.28 -10.01 -0.06
N LYS A 26 1.82 -11.01 -0.82
CA LYS A 26 2.26 -12.39 -0.60
C LYS A 26 3.78 -12.54 -0.74
N TYR A 27 4.37 -11.73 -1.62
CA TYR A 27 5.81 -11.70 -1.78
C TYR A 27 6.48 -11.10 -0.54
N TYR A 28 5.89 -10.04 0.00
CA TYR A 28 6.39 -9.36 1.19
C TYR A 28 6.28 -10.28 2.42
N ILE A 29 5.21 -11.07 2.48
CA ILE A 29 4.93 -11.99 3.59
C ILE A 29 5.88 -13.20 3.56
N ASN A 30 6.62 -13.32 2.46
CA ASN A 30 7.50 -14.46 2.20
C ASN A 30 6.70 -15.74 1.99
N ASP A 31 5.41 -15.59 1.72
CA ASP A 31 4.55 -16.71 1.36
C ASP A 31 4.90 -17.23 -0.02
N ILE A 32 5.57 -16.39 -0.78
CA ILE A 32 5.72 -16.57 -2.21
C ILE A 32 7.00 -15.92 -2.68
N SER A 33 7.74 -16.61 -3.55
CA SER A 33 9.06 -16.16 -3.96
C SER A 33 8.98 -15.01 -4.95
N GLU A 34 10.15 -14.49 -5.31
CA GLU A 34 10.24 -13.31 -6.17
C GLU A 34 9.89 -13.63 -7.62
N HIS A 35 10.28 -14.80 -8.09
CA HIS A 35 9.98 -15.16 -9.47
C HIS A 35 8.71 -15.99 -9.57
N GLU A 36 7.89 -15.94 -8.53
CA GLU A 36 6.54 -16.48 -8.59
C GLU A 36 5.60 -15.41 -9.09
N LEU A 37 6.05 -14.17 -8.95
CA LEU A 37 5.34 -13.01 -9.44
C LEU A 37 5.27 -13.02 -10.97
N SER A 38 4.15 -12.54 -11.50
CA SER A 38 4.00 -12.35 -12.95
C SER A 38 5.00 -11.31 -13.44
N PRO A 39 5.28 -11.29 -14.76
CA PRO A 39 6.15 -10.23 -15.27
C PRO A 39 5.63 -8.84 -14.92
N TYR A 40 4.33 -8.64 -15.03
CA TYR A 40 3.73 -7.36 -14.66
C TYR A 40 4.05 -7.04 -13.21
N GLN A 41 3.86 -8.03 -12.35
CA GLN A 41 4.07 -7.90 -10.92
C GLN A 41 5.51 -7.58 -10.57
N GLN A 42 6.44 -8.07 -11.39
CA GLN A 42 7.85 -7.88 -11.12
C GLN A 42 8.29 -6.47 -11.49
N GLN A 43 7.56 -5.84 -12.39
CA GLN A 43 7.88 -4.47 -12.79
C GLN A 43 7.38 -3.47 -11.75
N ILE A 44 6.15 -3.69 -11.29
CA ILE A 44 5.52 -2.72 -10.39
C ILE A 44 6.04 -2.88 -8.97
N LYS A 45 6.66 -4.03 -8.69
CA LYS A 45 7.22 -4.28 -7.36
C LYS A 45 8.37 -3.33 -7.06
N LYS A 46 9.02 -2.85 -8.11
CA LYS A 46 10.13 -1.90 -7.98
C LYS A 46 9.70 -0.60 -7.29
N ILE A 47 8.54 -0.08 -7.67
CA ILE A 47 8.05 1.17 -7.13
C ILE A 47 7.46 0.95 -5.75
N LEU A 48 6.96 -0.25 -5.50
CA LEU A 48 6.40 -0.58 -4.20
C LEU A 48 7.51 -0.72 -3.17
N THR A 49 8.60 -1.38 -3.57
CA THR A 49 9.78 -1.50 -2.71
C THR A 49 10.40 -0.13 -2.42
N TYR A 50 10.58 0.66 -3.47
CA TYR A 50 11.06 2.02 -3.33
C TYR A 50 10.15 2.80 -2.38
N TYR A 51 8.84 2.55 -2.45
CA TYR A 51 7.90 3.19 -1.54
C TYR A 51 8.13 2.72 -0.11
N ASP A 52 8.18 1.40 0.08
CA ASP A 52 8.34 0.81 1.41
C ASP A 52 9.57 1.36 2.13
N GLU A 53 10.67 1.48 1.41
CA GLU A 53 11.90 1.97 2.02
C GLU A 53 11.84 3.48 2.17
N CYS A 54 11.07 4.14 1.31
CA CYS A 54 10.85 5.58 1.44
C CYS A 54 10.07 5.87 2.73
N LEU A 55 9.12 4.99 3.04
CA LEU A 55 8.27 5.15 4.20
C LEU A 55 8.97 4.77 5.50
N ASN A 56 9.80 3.74 5.43
CA ASN A 56 10.55 3.30 6.59
C ASN A 56 11.47 4.39 7.06
N LYS A 57 11.97 5.17 6.11
CA LYS A 57 12.92 6.22 6.37
C LYS A 57 12.32 7.33 7.24
N GLN A 58 11.01 7.43 7.24
CA GLN A 58 10.32 8.53 7.94
C GLN A 58 9.62 8.07 9.22
N VAL A 59 9.12 6.85 9.22
CA VAL A 59 8.34 6.37 10.34
C VAL A 59 8.46 4.86 10.48
N THR A 60 8.53 4.40 11.72
CA THR A 60 8.43 2.99 12.01
C THR A 60 7.01 2.70 12.51
N ILE A 61 6.31 1.82 11.81
CA ILE A 61 4.94 1.47 12.16
C ILE A 61 4.91 0.15 12.93
N THR A 62 4.17 0.12 14.02
CA THR A 62 4.04 -1.09 14.81
C THR A 62 2.57 -1.45 15.05
N PHE A 63 2.29 -2.73 15.21
CA PHE A 63 0.92 -3.19 15.37
C PHE A 63 0.76 -3.96 16.67
N SER A 64 -0.46 -3.97 17.20
CA SER A 64 -0.77 -4.73 18.42
C SER A 64 -2.01 -5.61 18.23
N LEU A 65 -2.25 -6.03 16.99
CA LEU A 65 -3.47 -6.76 16.65
C LEU A 65 -3.51 -8.14 17.28
N THR A 66 -4.67 -8.50 17.82
CA THR A 66 -4.85 -9.79 18.49
C THR A 66 -5.95 -10.60 17.83
N SER A 67 -6.83 -9.93 17.10
CA SER A 67 -7.99 -10.60 16.53
C SER A 67 -8.46 -9.94 15.23
N VAL A 68 -9.42 -10.59 14.58
CA VAL A 68 -9.98 -10.14 13.32
C VAL A 68 -10.65 -8.78 13.43
N GLN A 69 -11.15 -8.48 14.62
CA GLN A 69 -11.94 -7.28 14.84
C GLN A 69 -11.09 -6.01 14.74
N GLU A 70 -9.95 -6.02 15.41
CA GLU A 70 -9.05 -4.87 15.39
C GLU A 70 -8.50 -4.60 13.98
N ILE A 71 -8.28 -5.66 13.20
CA ILE A 71 -7.81 -5.53 11.83
C ILE A 71 -8.75 -4.67 10.99
N LYS A 72 -10.03 -5.01 11.00
CA LYS A 72 -11.04 -4.32 10.20
C LYS A 72 -11.13 -2.82 10.50
N THR A 73 -11.17 -2.46 11.78
CA THR A 73 -11.36 -1.05 12.14
C THR A 73 -10.09 -0.24 11.91
N GLN A 74 -8.95 -0.75 12.39
CA GLN A 74 -7.69 -0.04 12.26
C GLN A 74 -7.24 0.13 10.81
N PHE A 75 -7.39 -0.92 10.00
CA PHE A 75 -7.04 -0.85 8.58
C PHE A 75 -7.92 0.16 7.84
N THR A 76 -9.22 0.06 8.07
CA THR A 76 -10.20 0.95 7.47
C THR A 76 -9.98 2.38 7.94
N GLY A 77 -9.56 2.53 9.19
CA GLY A 77 -9.22 3.84 9.73
C GLY A 77 -8.16 4.53 8.88
N VAL A 78 -7.04 3.84 8.68
CA VAL A 78 -5.92 4.38 7.92
C VAL A 78 -6.27 4.59 6.45
N VAL A 79 -6.78 3.57 5.78
CA VAL A 79 -6.98 3.64 4.32
C VAL A 79 -8.10 4.59 3.90
N THR A 80 -9.16 4.69 4.72
CA THR A 80 -10.24 5.62 4.41
C THR A 80 -9.74 7.04 4.53
N GLU A 81 -8.97 7.29 5.58
CA GLU A 81 -8.41 8.61 5.84
C GLU A 81 -7.42 8.97 4.73
N LEU A 82 -6.74 7.96 4.19
CA LEU A 82 -5.81 8.13 3.07
C LEU A 82 -6.52 8.54 1.77
N PHE A 83 -7.76 8.10 1.59
CA PHE A 83 -8.50 8.47 0.38
C PHE A 83 -9.70 9.34 0.70
N LYS A 84 -9.70 9.95 1.88
CA LYS A 84 -10.78 10.87 2.23
C LYS A 84 -10.83 12.02 1.25
N ASP A 85 -9.65 12.52 0.88
CA ASP A 85 -9.58 13.73 0.08
C ASP A 85 -9.24 13.50 -1.39
N LEU A 86 -8.13 12.82 -1.64
CA LEU A 86 -7.73 12.55 -3.01
C LEU A 86 -7.39 11.09 -3.26
N ILE A 87 -7.67 10.62 -4.47
CA ILE A 87 -7.12 9.35 -4.92
C ILE A 87 -6.12 9.61 -6.04
N ASN A 88 -4.94 9.00 -5.92
CA ASN A 88 -3.97 8.97 -7.01
C ASN A 88 -3.13 7.72 -6.88
N TRP A 89 -2.48 7.33 -7.96
CA TRP A 89 -1.74 6.07 -8.00
C TRP A 89 -0.64 6.03 -6.94
N GLY A 90 -0.16 7.20 -6.54
CA GLY A 90 0.81 7.31 -5.47
C GLY A 90 0.24 6.88 -4.14
N ARG A 91 -1.02 7.25 -3.90
CA ARG A 91 -1.68 6.82 -2.67
C ARG A 91 -2.06 5.35 -2.75
N ILE A 92 -2.19 4.83 -3.98
CA ILE A 92 -2.44 3.41 -4.18
C ILE A 92 -1.22 2.57 -3.75
N CYS A 93 -0.02 3.03 -4.08
CA CYS A 93 1.20 2.37 -3.61
C CYS A 93 1.19 2.29 -2.09
N GLY A 94 0.84 3.40 -1.47
CA GLY A 94 0.79 3.47 -0.01
C GLY A 94 -0.20 2.49 0.54
N PHE A 95 -1.31 2.32 -0.16
CA PHE A 95 -2.35 1.41 0.28
C PHE A 95 -1.83 -0.01 0.24
N ILE A 96 -1.23 -0.38 -0.88
CA ILE A 96 -0.60 -1.69 -1.06
C ILE A 96 0.52 -1.94 -0.03
N VAL A 97 1.43 -0.98 0.11
CA VAL A 97 2.54 -1.14 1.03
C VAL A 97 2.05 -1.32 2.47
N PHE A 98 1.19 -0.43 2.94
CA PHE A 98 0.62 -0.56 4.28
C PHE A 98 -0.10 -1.90 4.47
N SER A 99 -0.92 -2.28 3.49
CA SER A 99 -1.59 -3.57 3.52
C SER A 99 -0.58 -4.71 3.73
N ALA A 100 0.57 -4.60 3.07
CA ALA A 100 1.62 -5.61 3.16
C ALA A 100 2.32 -5.60 4.52
N LYS A 101 2.42 -4.44 5.15
CA LYS A 101 3.13 -4.35 6.43
C LYS A 101 2.25 -4.80 7.59
N MET A 102 0.95 -4.53 7.50
CA MET A 102 0.03 -5.09 8.49
C MET A 102 -0.01 -6.60 8.34
N ALA A 103 0.01 -7.07 7.10
CA ALA A 103 -0.01 -8.50 6.84
C ALA A 103 1.26 -9.17 7.37
N LYS A 104 2.40 -8.51 7.21
CA LYS A 104 3.66 -9.07 7.67
C LYS A 104 3.72 -9.17 9.18
N TYR A 105 3.09 -8.22 9.86
CA TYR A 105 2.97 -8.27 11.30
C TYR A 105 2.27 -9.56 11.72
N CYS A 106 1.17 -9.88 11.05
CA CYS A 106 0.39 -11.07 11.34
C CYS A 106 1.18 -12.34 11.06
N LYS A 107 1.95 -12.30 9.98
CA LYS A 107 2.90 -13.35 9.64
C LYS A 107 3.86 -13.59 10.80
N ASP A 108 4.70 -12.58 11.08
CA ASP A 108 5.69 -12.67 12.15
C ASP A 108 5.09 -13.07 13.51
N ALA A 109 3.91 -12.57 13.80
CA ALA A 109 3.25 -12.84 15.09
C ALA A 109 2.62 -14.22 15.14
N ASN A 110 2.46 -14.84 13.97
CA ASN A 110 1.89 -16.18 13.87
C ASN A 110 0.45 -16.28 14.40
N ASN A 111 -0.32 -15.20 14.31
CA ASN A 111 -1.71 -15.21 14.76
C ASN A 111 -2.66 -15.67 13.64
N HIS A 112 -2.07 -16.02 12.51
CA HIS A 112 -2.78 -16.60 11.36
C HIS A 112 -3.92 -15.74 10.83
N LEU A 113 -3.65 -14.45 10.73
CA LEU A 113 -4.65 -13.50 10.25
C LEU A 113 -4.23 -12.75 9.00
N GLU A 114 -3.10 -13.15 8.40
CA GLU A 114 -2.59 -12.52 7.19
C GLU A 114 -3.64 -12.52 6.09
N SER A 115 -4.40 -13.62 6.04
CA SER A 115 -5.46 -13.81 5.08
C SER A 115 -6.61 -12.82 5.29
N THR A 116 -6.83 -12.43 6.54
CA THR A 116 -7.86 -11.43 6.85
C THR A 116 -7.45 -10.06 6.33
N VAL A 117 -6.20 -9.69 6.58
CA VAL A 117 -5.65 -8.42 6.10
C VAL A 117 -5.78 -8.34 4.58
N ILE A 118 -5.37 -9.40 3.90
CA ILE A 118 -5.41 -9.45 2.45
C ILE A 118 -6.85 -9.41 1.93
N THR A 119 -7.75 -10.14 2.60
CA THR A 119 -9.17 -10.07 2.28
C THR A 119 -9.72 -8.65 2.48
N THR A 120 -9.42 -8.05 3.63
CA THR A 120 -9.86 -6.69 3.95
C THR A 120 -9.38 -5.66 2.93
N ALA A 121 -8.10 -5.72 2.60
CA ALA A 121 -7.52 -4.85 1.57
C ALA A 121 -8.16 -5.12 0.22
N TYR A 122 -8.37 -6.39 -0.09
CA TYR A 122 -8.96 -6.82 -1.34
C TYR A 122 -10.32 -6.18 -1.52
N ASN A 123 -11.19 -6.38 -0.53
CA ASN A 123 -12.53 -5.83 -0.57
C ASN A 123 -12.54 -4.31 -0.66
N PHE A 124 -11.65 -3.65 0.08
CA PHE A 124 -11.61 -2.19 0.08
C PHE A 124 -11.22 -1.66 -1.30
N MET A 125 -10.19 -2.28 -1.88
CA MET A 125 -9.72 -1.87 -3.19
C MET A 125 -10.83 -2.00 -4.25
N LYS A 126 -11.61 -3.06 -4.13
CA LYS A 126 -12.70 -3.33 -5.06
C LYS A 126 -13.85 -2.33 -4.96
N HIS A 127 -14.37 -2.15 -3.74
CA HIS A 127 -15.55 -1.32 -3.51
C HIS A 127 -15.29 0.18 -3.59
N ASN A 128 -14.06 0.60 -3.35
CA ASN A 128 -13.76 2.03 -3.22
C ASN A 128 -12.77 2.59 -4.23
N LEU A 129 -11.77 1.80 -4.62
CA LEU A 129 -10.68 2.29 -5.47
C LEU A 129 -10.77 1.82 -6.92
N LEU A 130 -11.11 0.55 -7.10
CA LEU A 130 -11.13 -0.08 -8.42
C LEU A 130 -11.97 0.66 -9.47
N PRO A 131 -13.13 1.23 -9.08
CA PRO A 131 -13.81 2.05 -10.09
C PRO A 131 -13.00 3.31 -10.49
N TRP A 132 -12.22 3.86 -9.58
CA TRP A 132 -11.38 5.01 -9.93
C TRP A 132 -10.18 4.58 -10.79
N MET A 133 -9.57 3.46 -10.43
CA MET A 133 -8.46 2.91 -11.21
C MET A 133 -8.80 2.70 -12.68
N ILE A 134 -9.92 2.01 -12.90
CA ILE A 134 -10.42 1.74 -14.24
C ILE A 134 -10.70 3.05 -14.95
N SER A 135 -11.19 4.03 -14.21
CA SER A 135 -11.50 5.35 -14.73
C SER A 135 -10.24 6.12 -15.13
N HIS A 136 -9.08 5.60 -14.72
CA HIS A 136 -7.81 6.28 -14.93
C HIS A 136 -6.70 5.36 -15.43
N GLY A 137 -6.97 4.63 -16.50
CA GLY A 137 -5.95 3.86 -17.20
C GLY A 137 -5.59 2.51 -16.62
N GLY A 138 -6.18 2.17 -15.47
CA GLY A 138 -6.06 0.85 -14.89
C GLY A 138 -4.66 0.30 -14.72
N GLN A 139 -4.52 -1.00 -14.98
CA GLN A 139 -3.25 -1.72 -14.83
C GLN A 139 -2.09 -1.04 -15.56
N GLU A 140 -2.31 -0.68 -16.82
CA GLU A 140 -1.26 -0.06 -17.64
C GLU A 140 -0.75 1.24 -17.02
N GLU A 141 -1.66 2.02 -16.44
CA GLU A 141 -1.29 3.29 -15.85
C GLU A 141 -0.44 3.12 -14.59
N PHE A 142 -0.81 2.15 -13.76
CA PHE A 142 -0.03 1.88 -12.56
C PHE A 142 1.35 1.37 -12.95
N LEU A 143 1.43 0.72 -14.12
CA LEU A 143 2.70 0.30 -14.66
C LEU A 143 3.52 1.52 -15.07
N ALA A 144 2.91 2.36 -15.90
CA ALA A 144 3.54 3.61 -16.31
C ALA A 144 4.05 4.38 -15.08
N PHE A 145 3.25 4.43 -14.02
CA PHE A 145 3.64 5.14 -12.82
C PHE A 145 4.89 4.54 -12.21
N SER A 146 4.96 3.21 -12.23
CA SER A 146 6.09 2.49 -11.65
C SER A 146 7.40 2.82 -12.35
N LEU A 147 7.32 3.15 -13.64
CA LEU A 147 8.50 3.49 -14.44
C LEU A 147 8.90 4.97 -14.31
N HIS A 148 8.16 5.73 -13.53
CA HIS A 148 8.45 7.17 -13.39
C HIS A 148 8.66 7.56 -11.93
N SER B 3 -5.90 9.43 20.87
CA SER B 3 -4.56 9.36 20.32
C SER B 3 -4.42 8.13 19.42
N GLN B 4 -5.17 7.08 19.72
CA GLN B 4 -5.20 5.90 18.84
C GLN B 4 -5.70 6.33 17.46
N GLU B 5 -6.68 7.22 17.45
CA GLU B 5 -7.20 7.77 16.20
C GLU B 5 -6.17 8.70 15.58
N ALA B 6 -5.44 9.41 16.43
CA ALA B 6 -4.36 10.26 15.99
C ALA B 6 -3.26 9.44 15.32
N VAL B 7 -2.88 8.32 15.94
CA VAL B 7 -1.91 7.41 15.37
C VAL B 7 -2.33 7.01 13.97
N ILE B 8 -3.59 6.60 13.85
CA ILE B 8 -4.19 6.28 12.56
C ILE B 8 -4.04 7.44 11.58
N ARG B 9 -4.30 8.66 12.04
CA ARG B 9 -4.24 9.83 11.15
C ARG B 9 -2.82 10.19 10.69
N ASP B 10 -1.82 9.92 11.53
CA ASP B 10 -0.43 10.23 11.18
C ASP B 10 0.15 9.23 10.18
N ILE B 11 -0.13 7.95 10.41
CA ILE B 11 0.20 6.90 9.47
C ILE B 11 -0.32 7.27 8.09
N ALA B 12 -1.57 7.74 8.07
CA ALA B 12 -2.24 8.10 6.82
C ALA B 12 -1.69 9.40 6.25
N ARG B 13 -1.13 10.25 7.11
CA ARG B 13 -0.52 11.49 6.67
C ARG B 13 0.78 11.20 5.92
N HIS B 14 1.55 10.24 6.41
CA HIS B 14 2.80 9.84 5.77
C HIS B 14 2.55 9.13 4.45
N LEU B 15 1.60 8.20 4.44
CA LEU B 15 1.27 7.48 3.22
C LEU B 15 0.80 8.43 2.13
N ALA B 16 0.06 9.46 2.53
CA ALA B 16 -0.46 10.42 1.57
C ALA B 16 0.65 11.24 0.93
N ARG B 17 1.51 11.83 1.77
CA ARG B 17 2.51 12.77 1.29
C ARG B 17 3.60 12.07 0.51
N ILE B 18 4.01 10.88 0.95
CA ILE B 18 4.99 10.09 0.20
C ILE B 18 4.42 9.71 -1.16
N GLY B 19 3.15 9.31 -1.17
CA GLY B 19 2.45 8.97 -2.40
C GLY B 19 2.29 10.15 -3.36
N ASP B 20 1.94 11.32 -2.81
CA ASP B 20 1.74 12.51 -3.63
C ASP B 20 3.05 13.03 -4.21
N ARG B 21 4.12 12.97 -3.44
CA ARG B 21 5.41 13.42 -3.95
C ARG B 21 5.83 12.56 -5.13
N MET B 22 5.51 11.27 -5.07
CA MET B 22 5.78 10.40 -6.19
C MET B 22 4.86 10.76 -7.35
N GLU B 23 3.56 10.78 -7.10
CA GLU B 23 2.55 11.07 -8.11
C GLU B 23 2.74 12.40 -8.83
N TYR B 24 3.25 13.39 -8.13
CA TYR B 24 3.56 14.68 -8.75
C TYR B 24 5.06 14.78 -8.83
N GLY B 25 5.58 15.85 -9.40
CA GLY B 25 7.02 15.87 -9.63
C GLY B 25 7.76 16.43 -8.44
N ILE B 26 7.22 16.26 -7.25
CA ILE B 26 7.63 17.12 -6.14
C ILE B 26 9.08 16.90 -5.74
N ARG B 27 9.89 17.88 -6.10
CA ARG B 27 11.32 17.90 -5.80
C ARG B 27 11.55 18.44 -4.40
N PRO B 28 12.75 18.24 -3.84
CA PRO B 28 13.02 18.89 -2.56
C PRO B 28 12.97 20.41 -2.69
N GLY B 29 12.72 21.09 -1.58
CA GLY B 29 12.69 22.54 -1.60
C GLY B 29 14.08 23.15 -1.71
N LEU B 30 15.05 22.52 -1.05
CA LEU B 30 16.39 23.07 -0.93
C LEU B 30 17.22 22.85 -2.19
N VAL B 31 17.58 23.94 -2.85
CA VAL B 31 18.49 23.88 -3.99
C VAL B 31 19.86 24.48 -3.64
N ASP B 32 20.84 23.62 -3.40
CA ASP B 32 22.21 24.06 -3.13
C ASP B 32 22.96 24.34 -4.43
N SER B 33 23.29 25.61 -4.66
CA SER B 33 23.92 26.02 -5.91
C SER B 33 25.36 26.50 -5.74
N LEU B 34 26.29 25.80 -6.38
CA LEU B 34 27.70 26.21 -6.41
C LEU B 34 28.00 27.05 -7.64
#